data_8FB2
#
_entry.id   8FB2
#
_cell.length_a   47.600
_cell.length_b   97.680
_cell.length_c   56.810
_cell.angle_alpha   90.00
_cell.angle_beta   91.43
_cell.angle_gamma   90.00
#
_symmetry.space_group_name_H-M   'P 1 21 1'
#
loop_
_entity.id
_entity.type
_entity.pdbx_description
1 polymer 'Nuclear receptor ROR-gamma'
2 non-polymer (1R,15S)-16-(cyclopropylacetyl)-5-fluoro-20-methyl-9lambda~6~-thia-1,8,16-triazatricyclo[13.3.1.1~3,7~]icosa-3(20),4,6-triene-9,9-dione
3 non-polymer '4-[1-(2,6-dichlorobenzoyl)-4-fluoro-1H-indazol-3-yl]benzoic acid'
4 water water
#
_entity_poly.entity_id   1
_entity_poly.type   'polypeptide(L)'
_entity_poly.pdbx_seq_one_letter_code
;SMPTPEAPYASLTEIEHLVQSVSKSYRETCQLRLEDLLRQRSNIFSREEVTGYQRKSMWEMWERCAHHLTEAIQYVVEFA
KRLSGFMELSQNDQIVLLKAGAMEVVLVRMCRAYNADNRTVFFEGKYGGMELFRALGCSELISSIFDFSHSLSALHFSED
EIALYTALVLINAHRPGLQEKRKVEQLQYNLELAFHHHLCKTHRQSILAKLPPKGKLRSLCSQHVERLQIFQHLHPIVVQ
AAFPPLYKELFSTETESPVGLS
;
_entity_poly.pdbx_strand_id   A,B
#
loop_
_chem_comp.id
_chem_comp.type
_chem_comp.name
_chem_comp.formula
XNX non-polymer '4-[1-(2,6-dichlorobenzoyl)-4-fluoro-1H-indazol-3-yl]benzoic acid' 'C21 H11 Cl2 F N2 O3'
XO5 non-polymer (1R,15S)-16-(cyclopropylacetyl)-5-fluoro-20-methyl-9lambda~6~-thia-1,8,16-triazatricyclo[13.3.1.1~3,7~]icosa-3(20),4,6-triene-9,9-dione 'C22 H32 F N3 O3 S'
#
# COMPACT_ATOMS: atom_id res chain seq x y z
N THR A 4 -18.69 -3.15 -5.36
CA THR A 4 -18.55 -4.59 -5.09
C THR A 4 -17.19 -4.89 -4.41
N PRO A 5 -17.13 -5.82 -3.43
CA PRO A 5 -15.85 -6.11 -2.77
C PRO A 5 -14.76 -6.75 -3.63
N GLU A 6 -15.15 -7.33 -4.78
CA GLU A 6 -14.25 -7.97 -5.71
C GLU A 6 -13.80 -7.05 -6.86
N ALA A 7 -14.34 -5.83 -6.92
CA ALA A 7 -14.09 -4.84 -7.96
C ALA A 7 -12.60 -4.51 -8.22
N PRO A 8 -12.22 -4.35 -9.51
CA PRO A 8 -10.85 -3.91 -9.82
C PRO A 8 -10.67 -2.43 -9.46
N TYR A 9 -9.43 -1.94 -9.47
CA TYR A 9 -9.06 -0.55 -9.14
C TYR A 9 -9.66 -0.09 -7.81
N ALA A 10 -9.58 -0.92 -6.76
CA ALA A 10 -10.10 -0.57 -5.43
C ALA A 10 -9.46 0.72 -4.97
N SER A 11 -10.30 1.69 -4.60
CA SER A 11 -9.82 3.01 -4.17
C SER A 11 -9.27 2.94 -2.74
N LEU A 12 -8.67 4.03 -2.30
CA LEU A 12 -8.19 4.24 -0.95
C LEU A 12 -9.43 4.21 0.00
N THR A 13 -10.61 4.66 -0.51
CA THR A 13 -11.86 4.65 0.26
C THR A 13 -12.31 3.22 0.49
N GLU A 14 -12.38 2.41 -0.58
CA GLU A 14 -12.77 1.00 -0.47
C GLU A 14 -11.81 0.21 0.41
N ILE A 15 -10.49 0.42 0.28
CA ILE A 15 -9.46 -0.29 1.04
C ILE A 15 -9.52 0.05 2.55
N GLU A 16 -9.71 1.34 2.90
CA GLU A 16 -9.76 1.75 4.29
C GLU A 16 -11.06 1.33 4.97
N HIS A 17 -12.16 1.22 4.23
CA HIS A 17 -13.43 0.74 4.74
C HIS A 17 -13.38 -0.76 4.93
N LEU A 18 -12.63 -1.46 4.05
CA LEU A 18 -12.40 -2.89 4.16
C LEU A 18 -11.66 -3.15 5.48
N VAL A 19 -10.58 -2.38 5.77
CA VAL A 19 -9.84 -2.51 7.05
C VAL A 19 -10.79 -2.37 8.26
N GLN A 20 -11.58 -1.30 8.28
CA GLN A 20 -12.53 -0.96 9.33
C GLN A 20 -13.66 -1.99 9.47
N SER A 21 -14.23 -2.43 8.38
CA SER A 21 -15.32 -3.39 8.38
C SER A 21 -14.82 -4.78 8.88
N VAL A 22 -13.60 -5.20 8.47
CA VAL A 22 -13.03 -6.48 8.91
C VAL A 22 -12.70 -6.45 10.40
N SER A 23 -12.08 -5.35 10.90
CA SER A 23 -11.74 -5.21 12.32
C SER A 23 -12.99 -5.23 13.21
N LYS A 24 -14.07 -4.59 12.74
CA LYS A 24 -15.36 -4.51 13.43
C LYS A 24 -16.01 -5.92 13.49
N SER A 25 -15.94 -6.68 12.38
CA SER A 25 -16.46 -8.05 12.30
C SER A 25 -15.70 -8.93 13.24
N TYR A 26 -14.37 -8.75 13.31
CA TYR A 26 -13.52 -9.51 14.20
C TYR A 26 -13.88 -9.33 15.69
N ARG A 27 -13.94 -8.09 16.16
CA ARG A 27 -14.20 -7.81 17.58
C ARG A 27 -15.64 -8.12 17.99
N GLU A 28 -16.57 -8.19 17.03
CA GLU A 28 -17.95 -8.53 17.36
C GLU A 28 -18.17 -10.05 17.40
N THR A 29 -17.19 -10.84 16.90
CA THR A 29 -17.26 -12.29 16.87
C THR A 29 -16.23 -12.94 17.78
N CYS A 30 -15.67 -12.16 18.72
CA CYS A 30 -14.71 -12.64 19.71
C CYS A 30 -15.46 -12.97 21.00
N GLN A 31 -15.43 -14.25 21.44
CA GLN A 31 -16.12 -14.68 22.66
C GLN A 31 -15.66 -13.90 23.89
N LEU A 32 -14.35 -13.73 24.04
CA LEU A 32 -13.76 -12.99 25.16
C LEU A 32 -13.05 -11.77 24.66
N ARG A 33 -13.35 -10.64 25.31
CA ARG A 33 -12.72 -9.37 25.00
C ARG A 33 -11.28 -9.43 25.55
N LEU A 34 -10.32 -8.94 24.76
CA LEU A 34 -8.88 -8.88 25.04
C LEU A 34 -8.55 -8.22 26.40
N GLU A 35 -9.29 -7.18 26.79
CA GLU A 35 -9.15 -6.47 28.06
C GLU A 35 -9.43 -7.43 29.24
N ASP A 36 -10.45 -8.30 29.07
CA ASP A 36 -10.85 -9.29 30.07
C ASP A 36 -9.84 -10.45 30.12
N LEU A 37 -9.24 -10.81 28.98
CA LEU A 37 -8.22 -11.85 28.94
C LEU A 37 -6.94 -11.37 29.59
N LEU A 38 -6.58 -10.08 29.38
CA LEU A 38 -5.39 -9.46 29.98
C LEU A 38 -5.54 -9.32 31.49
N ARG A 39 -6.70 -8.83 31.96
CA ARG A 39 -7.05 -8.65 33.37
C ARG A 39 -6.97 -9.97 34.15
N GLN A 40 -7.51 -11.06 33.57
CA GLN A 40 -7.56 -12.41 34.16
C GLN A 40 -6.20 -13.11 34.25
N ARG A 41 -5.12 -12.54 33.68
CA ARG A 41 -3.75 -13.11 33.69
C ARG A 41 -3.25 -13.53 35.09
N SER A 42 -3.60 -12.75 36.13
CA SER A 42 -3.20 -13.03 37.52
C SER A 42 -4.06 -14.14 38.17
N ASN A 43 -5.27 -14.40 37.62
CA ASN A 43 -6.18 -15.45 38.11
C ASN A 43 -5.75 -16.82 37.54
N ILE A 44 -4.86 -17.50 38.27
CA ILE A 44 -4.28 -18.78 37.88
C ILE A 44 -4.82 -19.95 38.75
N PHE A 45 -4.97 -21.15 38.14
CA PHE A 45 -5.41 -22.37 38.81
C PHE A 45 -4.37 -22.83 39.85
N SER A 46 -4.86 -23.24 41.03
CA SER A 46 -4.03 -23.77 42.11
C SER A 46 -3.70 -25.24 41.81
N ARG A 47 -2.71 -25.81 42.55
CA ARG A 47 -2.26 -27.20 42.42
C ARG A 47 -3.41 -28.17 42.64
N GLU A 48 -4.37 -27.80 43.50
CA GLU A 48 -5.55 -28.60 43.80
C GLU A 48 -6.51 -28.64 42.59
N GLU A 49 -6.75 -27.48 41.96
CA GLU A 49 -7.60 -27.32 40.78
C GLU A 49 -7.00 -28.07 39.59
N VAL A 50 -5.67 -27.95 39.38
CA VAL A 50 -4.92 -28.66 38.32
C VAL A 50 -5.09 -30.19 38.54
N THR A 51 -4.93 -30.66 39.80
CA THR A 51 -5.12 -32.07 40.19
C THR A 51 -6.55 -32.51 39.89
N GLY A 52 -7.51 -31.64 40.19
CA GLY A 52 -8.92 -31.86 39.90
C GLY A 52 -9.19 -32.06 38.41
N TYR A 53 -8.45 -31.33 37.53
CA TYR A 53 -8.57 -31.46 36.08
C TYR A 53 -7.86 -32.71 35.61
N GLN A 54 -6.74 -33.06 36.25
CA GLN A 54 -5.96 -34.26 35.90
C GLN A 54 -6.70 -35.55 36.30
N ARG A 55 -7.44 -35.51 37.41
CA ARG A 55 -8.20 -36.68 37.89
C ARG A 55 -9.51 -36.93 37.10
N LYS A 56 -9.88 -36.01 36.17
CA LYS A 56 -11.05 -36.17 35.31
C LYS A 56 -10.79 -37.24 34.25
N SER A 57 -11.84 -37.92 33.79
CA SER A 57 -11.63 -38.95 32.77
C SER A 57 -11.40 -38.30 31.41
N MET A 58 -10.72 -39.04 30.52
CA MET A 58 -10.45 -38.66 29.14
C MET A 58 -11.71 -38.11 28.45
N TRP A 59 -12.89 -38.75 28.71
CA TRP A 59 -14.18 -38.42 28.11
C TRP A 59 -14.82 -37.13 28.68
N GLU A 60 -14.53 -36.79 29.95
CA GLU A 60 -14.98 -35.56 30.60
C GLU A 60 -14.21 -34.41 29.95
N MET A 61 -12.85 -34.52 29.87
CA MET A 61 -11.96 -33.52 29.25
C MET A 61 -12.23 -33.37 27.75
N TRP A 62 -12.58 -34.48 27.03
CA TRP A 62 -12.93 -34.40 25.61
C TRP A 62 -14.23 -33.58 25.43
N GLU A 63 -15.25 -33.88 26.23
CA GLU A 63 -16.52 -33.20 26.21
C GLU A 63 -16.38 -31.69 26.48
N ARG A 64 -15.55 -31.32 27.51
CA ARG A 64 -15.25 -29.94 27.88
C ARG A 64 -14.55 -29.22 26.71
N CYS A 65 -13.43 -29.78 26.24
CA CYS A 65 -12.67 -29.23 25.11
C CYS A 65 -13.49 -29.11 23.83
N ALA A 66 -14.24 -30.17 23.44
CA ALA A 66 -15.09 -30.18 22.22
C ALA A 66 -16.15 -29.10 22.24
N HIS A 67 -16.71 -28.80 23.43
CA HIS A 67 -17.72 -27.76 23.60
C HIS A 67 -17.13 -26.37 23.34
N HIS A 68 -15.95 -26.08 23.89
CA HIS A 68 -15.28 -24.80 23.67
C HIS A 68 -14.90 -24.62 22.18
N LEU A 69 -14.43 -25.69 21.52
CA LEU A 69 -14.05 -25.68 20.09
C LEU A 69 -15.25 -25.52 19.17
N THR A 70 -16.39 -26.11 19.55
CA THR A 70 -17.62 -25.95 18.76
C THR A 70 -18.02 -24.45 18.76
N GLU A 71 -17.96 -23.79 19.93
CA GLU A 71 -18.28 -22.37 20.07
C GLU A 71 -17.28 -21.49 19.33
N ALA A 72 -15.99 -21.81 19.41
CA ALA A 72 -14.94 -21.04 18.70
C ALA A 72 -15.18 -21.06 17.19
N ILE A 73 -15.54 -22.26 16.62
CA ILE A 73 -15.87 -22.47 15.19
C ILE A 73 -17.09 -21.65 14.80
N GLN A 74 -18.16 -21.75 15.59
CA GLN A 74 -19.39 -21.05 15.31
C GLN A 74 -19.19 -19.55 15.21
N TYR A 75 -18.29 -18.98 16.04
CA TYR A 75 -17.93 -17.58 16.00
C TYR A 75 -17.16 -17.21 14.72
N VAL A 76 -16.29 -18.12 14.25
CA VAL A 76 -15.52 -17.92 13.00
C VAL A 76 -16.50 -17.95 11.83
N VAL A 77 -17.53 -18.83 11.86
CA VAL A 77 -18.51 -18.88 10.77
C VAL A 77 -19.24 -17.52 10.72
N GLU A 78 -19.61 -16.97 11.91
CA GLU A 78 -20.27 -15.66 12.01
C GLU A 78 -19.35 -14.55 11.43
N PHE A 79 -18.04 -14.58 11.76
CA PHE A 79 -17.01 -13.68 11.23
C PHE A 79 -16.92 -13.78 9.70
N ALA A 80 -16.82 -15.00 9.16
CA ALA A 80 -16.74 -15.25 7.71
C ALA A 80 -17.92 -14.63 6.95
N LYS A 81 -19.14 -14.79 7.51
CA LYS A 81 -20.42 -14.32 6.96
C LYS A 81 -20.55 -12.80 6.95
N ARG A 82 -19.74 -12.11 7.75
CA ARG A 82 -19.68 -10.64 7.81
C ARG A 82 -18.64 -10.11 6.78
N LEU A 83 -17.81 -10.98 6.22
CA LEU A 83 -16.77 -10.56 5.26
C LEU A 83 -17.39 -10.24 3.93
N SER A 84 -17.06 -9.06 3.37
CA SER A 84 -17.63 -8.57 2.11
C SER A 84 -17.47 -9.56 0.97
N GLY A 85 -18.58 -9.94 0.34
CA GLY A 85 -18.59 -10.88 -0.77
C GLY A 85 -18.76 -12.33 -0.42
N PHE A 86 -18.49 -12.73 0.87
CA PHE A 86 -18.58 -14.14 1.32
C PHE A 86 -19.97 -14.75 1.12
N MET A 87 -21.03 -14.01 1.50
CA MET A 87 -22.40 -14.51 1.38
C MET A 87 -22.92 -14.51 -0.07
N GLU A 88 -22.17 -13.84 -0.97
CA GLU A 88 -22.46 -13.76 -2.39
C GLU A 88 -21.87 -14.96 -3.15
N LEU A 89 -21.02 -15.75 -2.47
CA LEU A 89 -20.44 -16.99 -3.01
C LEU A 89 -21.47 -18.07 -2.88
N SER A 90 -21.38 -19.13 -3.69
CA SER A 90 -22.30 -20.27 -3.61
C SER A 90 -22.11 -21.00 -2.26
N GLN A 91 -23.12 -21.78 -1.83
CA GLN A 91 -23.02 -22.55 -0.59
C GLN A 91 -21.82 -23.50 -0.67
N ASN A 92 -21.55 -24.07 -1.85
CA ASN A 92 -20.42 -24.97 -2.07
C ASN A 92 -19.10 -24.30 -1.69
N ASP A 93 -18.83 -23.11 -2.25
CA ASP A 93 -17.63 -22.31 -2.06
C ASP A 93 -17.48 -21.83 -0.61
N GLN A 94 -18.60 -21.42 0.01
CA GLN A 94 -18.67 -21.03 1.41
C GLN A 94 -18.28 -22.21 2.29
N ILE A 95 -18.78 -23.42 1.96
CA ILE A 95 -18.47 -24.64 2.72
C ILE A 95 -17.01 -25.03 2.54
N VAL A 96 -16.51 -24.96 1.28
CA VAL A 96 -15.10 -25.25 0.95
C VAL A 96 -14.15 -24.32 1.78
N LEU A 97 -14.46 -23.00 1.87
CA LEU A 97 -13.62 -22.05 2.59
C LEU A 97 -13.62 -22.27 4.11
N LEU A 98 -14.78 -22.65 4.65
CA LEU A 98 -14.95 -22.90 6.09
C LEU A 98 -14.44 -24.23 6.56
N LYS A 99 -14.65 -25.31 5.79
CA LYS A 99 -14.14 -26.60 6.22
C LYS A 99 -12.60 -26.56 6.32
N ALA A 100 -11.95 -25.80 5.43
CA ALA A 100 -10.50 -25.62 5.37
C ALA A 100 -9.95 -24.53 6.31
N GLY A 101 -10.65 -23.41 6.39
CA GLY A 101 -10.21 -22.23 7.13
C GLY A 101 -10.73 -22.00 8.51
N ALA A 102 -11.89 -22.56 8.90
CA ALA A 102 -12.44 -22.25 10.21
C ALA A 102 -11.55 -22.63 11.41
N MET A 103 -10.95 -23.87 11.43
CA MET A 103 -10.11 -24.31 12.54
C MET A 103 -8.79 -23.56 12.59
N GLU A 104 -8.24 -23.25 11.40
CA GLU A 104 -7.01 -22.46 11.28
C GLU A 104 -7.24 -21.11 11.96
N VAL A 105 -8.39 -20.45 11.66
CA VAL A 105 -8.74 -19.17 12.31
C VAL A 105 -8.85 -19.34 13.83
N VAL A 106 -9.48 -20.44 14.31
CA VAL A 106 -9.59 -20.74 15.76
C VAL A 106 -8.17 -20.85 16.36
N LEU A 107 -7.26 -21.58 15.66
CA LEU A 107 -5.88 -21.73 16.11
C LEU A 107 -5.12 -20.39 16.22
N VAL A 108 -5.36 -19.46 15.28
CA VAL A 108 -4.77 -18.11 15.32
C VAL A 108 -5.37 -17.35 16.48
N ARG A 109 -6.72 -17.28 16.55
CA ARG A 109 -7.44 -16.61 17.67
C ARG A 109 -7.00 -17.05 19.10
N MET A 110 -6.50 -18.30 19.25
CA MET A 110 -6.01 -18.85 20.52
C MET A 110 -4.83 -18.05 21.12
N CYS A 111 -4.00 -17.37 20.28
CA CYS A 111 -2.86 -16.59 20.78
C CYS A 111 -3.28 -15.48 21.75
N ARG A 112 -4.51 -14.94 21.62
CA ARG A 112 -5.02 -13.89 22.49
CA ARG A 112 -5.10 -13.90 22.48
C ARG A 112 -5.26 -14.37 23.93
N ALA A 113 -5.51 -15.69 24.12
CA ALA A 113 -5.75 -16.36 25.41
C ALA A 113 -4.47 -17.01 25.96
N TYR A 114 -3.37 -16.89 25.23
CA TYR A 114 -2.09 -17.43 25.63
C TYR A 114 -1.24 -16.34 26.31
N ASN A 115 -0.70 -16.63 27.51
CA ASN A 115 0.20 -15.75 28.27
C ASN A 115 1.62 -16.30 28.11
N ALA A 116 2.47 -15.54 27.40
CA ALA A 116 3.86 -15.93 27.14
C ALA A 116 4.76 -15.90 28.38
N ASP A 117 4.52 -14.96 29.33
CA ASP A 117 5.32 -14.80 30.56
C ASP A 117 5.47 -16.10 31.36
N ASN A 118 4.35 -16.81 31.62
CA ASN A 118 4.32 -18.05 32.38
C ASN A 118 3.87 -19.29 31.57
N ARG A 119 3.71 -19.14 30.24
CA ARG A 119 3.28 -20.22 29.33
C ARG A 119 1.92 -20.85 29.77
N THR A 120 0.93 -20.00 30.10
CA THR A 120 -0.40 -20.49 30.50
C THR A 120 -1.45 -20.09 29.48
N VAL A 121 -2.59 -20.76 29.52
CA VAL A 121 -3.71 -20.47 28.65
C VAL A 121 -4.98 -20.28 29.44
N PHE A 122 -5.87 -19.43 28.95
CA PHE A 122 -7.15 -19.23 29.60
C PHE A 122 -8.04 -20.44 29.29
N PHE A 123 -8.57 -21.07 30.37
CA PHE A 123 -9.44 -22.22 30.26
C PHE A 123 -10.46 -22.21 31.40
N GLU A 124 -11.72 -22.10 31.05
CA GLU A 124 -12.85 -22.15 32.00
C GLU A 124 -12.70 -21.24 33.26
N GLY A 125 -12.34 -19.98 33.03
CA GLY A 125 -12.25 -18.97 34.09
C GLY A 125 -10.87 -18.60 34.58
N LYS A 126 -9.89 -19.51 34.45
CA LYS A 126 -8.55 -19.19 34.94
C LYS A 126 -7.48 -19.57 33.91
N TYR A 127 -6.22 -19.26 34.24
CA TYR A 127 -5.06 -19.60 33.43
C TYR A 127 -4.39 -20.85 34.02
N GLY A 128 -3.94 -21.76 33.15
CA GLY A 128 -3.24 -22.98 33.52
C GLY A 128 -2.31 -23.44 32.42
N GLY A 129 -1.34 -24.26 32.77
CA GLY A 129 -0.37 -24.84 31.84
C GLY A 129 -0.90 -26.01 31.05
N MET A 130 -0.04 -26.67 30.26
CA MET A 130 -0.51 -27.81 29.47
C MET A 130 -0.74 -29.09 30.31
N GLU A 131 -0.28 -29.10 31.58
CA GLU A 131 -0.45 -30.20 32.53
C GLU A 131 -1.94 -30.41 32.89
N LEU A 132 -2.74 -29.32 32.76
CA LEU A 132 -4.18 -29.27 32.99
C LEU A 132 -4.94 -30.21 32.03
N PHE A 133 -4.36 -30.48 30.84
CA PHE A 133 -4.97 -31.33 29.80
C PHE A 133 -4.41 -32.76 29.76
N ARG A 134 -3.65 -33.18 30.82
CA ARG A 134 -3.03 -34.51 30.99
C ARG A 134 -3.96 -35.70 30.63
N ALA A 135 -5.21 -35.69 31.14
CA ALA A 135 -6.21 -36.75 30.93
C ALA A 135 -6.61 -36.99 29.47
N LEU A 136 -6.39 -36.00 28.59
CA LEU A 136 -6.69 -36.15 27.16
C LEU A 136 -5.72 -37.10 26.44
N GLY A 137 -4.52 -37.26 26.99
CA GLY A 137 -3.46 -38.08 26.41
C GLY A 137 -3.02 -37.60 25.04
N CYS A 138 -2.82 -36.26 24.89
CA CYS A 138 -2.47 -35.58 23.62
C CYS A 138 -1.31 -34.61 23.77
N SER A 139 -0.41 -34.82 24.73
CA SER A 139 0.70 -33.93 25.10
C SER A 139 1.53 -33.37 23.93
N GLU A 140 1.79 -34.18 22.87
CA GLU A 140 2.57 -33.73 21.72
C GLU A 140 1.81 -32.67 20.89
N LEU A 141 0.55 -32.97 20.52
CA LEU A 141 -0.32 -32.06 19.75
C LEU A 141 -0.56 -30.76 20.55
N ILE A 142 -0.78 -30.90 21.87
CA ILE A 142 -1.05 -29.78 22.78
C ILE A 142 0.20 -28.91 22.91
N SER A 143 1.39 -29.52 22.93
CA SER A 143 2.67 -28.79 22.95
C SER A 143 2.84 -27.94 21.68
N SER A 144 2.50 -28.49 20.50
CA SER A 144 2.55 -27.84 19.19
C SER A 144 1.58 -26.64 19.14
N ILE A 145 0.35 -26.80 19.71
CA ILE A 145 -0.66 -25.72 19.77
C ILE A 145 -0.10 -24.59 20.65
N PHE A 146 0.52 -24.96 21.81
CA PHE A 146 1.16 -24.00 22.75
C PHE A 146 2.34 -23.28 22.07
N ASP A 147 3.16 -24.02 21.28
CA ASP A 147 4.30 -23.46 20.56
C ASP A 147 3.84 -22.48 19.47
N PHE A 148 2.80 -22.83 18.69
CA PHE A 148 2.26 -21.95 17.66
C PHE A 148 1.72 -20.64 18.25
N SER A 149 0.95 -20.70 19.35
CA SER A 149 0.41 -19.52 20.02
C SER A 149 1.54 -18.66 20.60
N HIS A 150 2.65 -19.31 21.07
CA HIS A 150 3.85 -18.64 21.60
C HIS A 150 4.48 -17.81 20.50
N SER A 151 4.63 -18.40 19.29
CA SER A 151 5.22 -17.70 18.15
C SER A 151 4.34 -16.51 17.68
N LEU A 152 2.99 -16.68 17.70
CA LEU A 152 2.07 -15.59 17.32
C LEU A 152 2.02 -14.46 18.33
N SER A 153 2.10 -14.80 19.63
CA SER A 153 2.09 -13.81 20.70
C SER A 153 3.31 -12.87 20.67
N ALA A 154 4.44 -13.32 20.09
CA ALA A 154 5.68 -12.55 19.94
C ALA A 154 5.58 -11.46 18.84
N LEU A 155 4.53 -11.52 17.99
CA LEU A 155 4.28 -10.52 16.94
C LEU A 155 3.59 -9.29 17.53
N HIS A 156 2.90 -9.44 18.68
CA HIS A 156 2.12 -8.39 19.35
C HIS A 156 1.11 -7.76 18.40
N PHE A 157 0.25 -8.61 17.81
CA PHE A 157 -0.77 -8.16 16.87
C PHE A 157 -1.70 -7.12 17.49
N SER A 158 -2.06 -6.10 16.70
CA SER A 158 -3.11 -5.17 17.09
C SER A 158 -4.41 -5.87 16.64
N GLU A 159 -5.57 -5.32 17.00
CA GLU A 159 -6.85 -5.91 16.62
C GLU A 159 -7.02 -5.90 15.11
N ASP A 160 -6.67 -4.78 14.44
CA ASP A 160 -6.77 -4.67 12.98
C ASP A 160 -5.89 -5.69 12.25
N GLU A 161 -4.70 -5.99 12.80
CA GLU A 161 -3.74 -6.93 12.21
C GLU A 161 -4.19 -8.36 12.25
N ILE A 162 -4.66 -8.82 13.45
CA ILE A 162 -5.16 -10.18 13.62
C ILE A 162 -6.48 -10.36 12.83
N ALA A 163 -7.28 -9.28 12.72
CA ALA A 163 -8.52 -9.27 11.98
C ALA A 163 -8.25 -9.52 10.49
N LEU A 164 -7.35 -8.73 9.87
CA LEU A 164 -6.96 -8.85 8.45
C LEU A 164 -6.26 -10.15 8.16
N TYR A 165 -5.39 -10.59 9.08
CA TYR A 165 -4.68 -11.85 8.95
C TYR A 165 -5.64 -13.06 8.91
N THR A 166 -6.61 -13.14 9.87
CA THR A 166 -7.57 -14.24 9.93
C THR A 166 -8.56 -14.21 8.74
N ALA A 167 -8.88 -13.01 8.22
CA ALA A 167 -9.76 -12.89 7.05
C ALA A 167 -9.05 -13.48 5.80
N LEU A 168 -7.70 -13.33 5.74
CA LEU A 168 -6.85 -13.86 4.67
C LEU A 168 -6.67 -15.35 4.76
N VAL A 169 -6.67 -15.90 6.00
CA VAL A 169 -6.65 -17.35 6.26
C VAL A 169 -7.94 -17.96 5.64
N LEU A 170 -9.08 -17.27 5.80
CA LEU A 170 -10.39 -17.70 5.26
C LEU A 170 -10.55 -17.52 3.74
N ILE A 171 -10.31 -16.29 3.21
CA ILE A 171 -10.47 -15.96 1.78
C ILE A 171 -9.21 -16.36 1.03
N ASN A 172 -9.08 -17.67 0.77
CA ASN A 172 -7.95 -18.30 0.11
C ASN A 172 -8.50 -18.96 -1.17
N ALA A 173 -8.07 -18.44 -2.34
CA ALA A 173 -8.54 -18.88 -3.65
C ALA A 173 -8.03 -20.26 -4.10
N HIS A 174 -7.11 -20.83 -3.29
CA HIS A 174 -6.41 -22.10 -3.50
C HIS A 174 -7.03 -23.29 -2.81
N ARG A 175 -8.12 -23.08 -2.10
CA ARG A 175 -8.82 -24.17 -1.46
C ARG A 175 -9.42 -25.07 -2.58
N PRO A 176 -9.05 -26.39 -2.63
CA PRO A 176 -9.61 -27.28 -3.67
C PRO A 176 -11.12 -27.44 -3.56
N GLY A 177 -11.79 -27.50 -4.71
CA GLY A 177 -13.23 -27.66 -4.79
C GLY A 177 -14.00 -26.39 -5.07
N LEU A 178 -13.30 -25.23 -5.18
CA LEU A 178 -13.96 -23.97 -5.47
C LEU A 178 -14.54 -23.95 -6.87
N GLN A 179 -15.81 -23.54 -7.01
CA GLN A 179 -16.57 -23.42 -8.27
C GLN A 179 -16.28 -22.05 -8.90
N GLU A 180 -16.24 -20.99 -8.09
CA GLU A 180 -15.97 -19.63 -8.55
C GLU A 180 -14.63 -19.13 -7.97
N LYS A 181 -13.55 -19.80 -8.38
CA LYS A 181 -12.16 -19.55 -8.00
C LYS A 181 -11.70 -18.14 -8.38
N ARG A 182 -12.13 -17.63 -9.56
CA ARG A 182 -11.79 -16.27 -10.04
C ARG A 182 -12.35 -15.19 -9.09
N LYS A 183 -13.61 -15.31 -8.69
CA LYS A 183 -14.26 -14.37 -7.76
C LYS A 183 -13.54 -14.38 -6.37
N VAL A 184 -13.04 -15.56 -5.92
CA VAL A 184 -12.34 -15.69 -4.64
C VAL A 184 -10.93 -14.99 -4.74
N GLU A 185 -10.22 -15.15 -5.88
CA GLU A 185 -8.92 -14.50 -6.16
C GLU A 185 -9.04 -12.98 -6.07
N GLN A 186 -10.14 -12.42 -6.56
CA GLN A 186 -10.43 -10.98 -6.54
C GLN A 186 -10.67 -10.46 -5.12
N LEU A 187 -11.45 -11.21 -4.31
CA LEU A 187 -11.75 -10.85 -2.91
C LEU A 187 -10.46 -10.93 -2.07
N GLN A 188 -9.62 -11.92 -2.37
CA GLN A 188 -8.33 -12.16 -1.71
C GLN A 188 -7.36 -11.04 -2.08
N TYR A 189 -7.32 -10.66 -3.38
CA TYR A 189 -6.46 -9.58 -3.88
C TYR A 189 -6.72 -8.26 -3.12
N ASN A 190 -8.02 -7.88 -2.95
CA ASN A 190 -8.38 -6.65 -2.24
C ASN A 190 -8.06 -6.70 -0.75
N LEU A 191 -8.17 -7.89 -0.12
CA LEU A 191 -7.83 -8.05 1.29
C LEU A 191 -6.34 -7.92 1.54
N GLU A 192 -5.51 -8.52 0.63
CA GLU A 192 -4.06 -8.45 0.67
C GLU A 192 -3.60 -6.98 0.52
N LEU A 193 -4.26 -6.26 -0.38
CA LEU A 193 -4.04 -4.83 -0.65
C LEU A 193 -4.33 -4.04 0.61
N ALA A 194 -5.50 -4.32 1.25
CA ALA A 194 -5.90 -3.68 2.51
C ALA A 194 -4.92 -4.00 3.65
N PHE A 195 -4.46 -5.27 3.75
CA PHE A 195 -3.50 -5.72 4.76
C PHE A 195 -2.19 -4.97 4.60
N HIS A 196 -1.61 -4.97 3.37
CA HIS A 196 -0.37 -4.28 3.06
C HIS A 196 -0.46 -2.76 3.28
N HIS A 197 -1.54 -2.13 2.76
CA HIS A 197 -1.77 -0.70 2.97
C HIS A 197 -1.78 -0.35 4.48
N HIS A 198 -2.53 -1.11 5.32
CA HIS A 198 -2.64 -0.87 6.75
C HIS A 198 -1.30 -0.99 7.49
N LEU A 199 -0.50 -2.04 7.19
CA LEU A 199 0.82 -2.25 7.80
C LEU A 199 1.82 -1.15 7.43
N CYS A 200 1.81 -0.73 6.17
CA CYS A 200 2.65 0.35 5.68
C CYS A 200 2.31 1.69 6.35
N LYS A 201 1.01 2.01 6.45
CA LYS A 201 0.49 3.24 7.07
C LYS A 201 0.87 3.32 8.56
N THR A 202 0.86 2.17 9.25
CA THR A 202 1.12 2.08 10.70
C THR A 202 2.58 1.80 11.01
N HIS A 203 3.42 1.62 9.97
CA HIS A 203 4.85 1.31 10.12
C HIS A 203 5.08 -0.04 10.82
N ARG A 204 4.27 -1.03 10.40
CA ARG A 204 4.28 -2.40 10.91
C ARG A 204 4.61 -3.45 9.86
N GLN A 205 5.23 -3.05 8.74
CA GLN A 205 5.62 -4.04 7.71
C GLN A 205 6.61 -5.11 8.19
N SER A 206 7.36 -4.81 9.26
CA SER A 206 8.34 -5.73 9.84
C SER A 206 7.71 -7.09 10.22
N ILE A 207 6.41 -7.12 10.49
CA ILE A 207 5.71 -8.34 10.91
C ILE A 207 5.53 -9.35 9.77
N LEU A 208 5.54 -8.90 8.49
CA LEU A 208 5.30 -9.79 7.34
C LEU A 208 6.32 -10.90 7.23
N ALA A 209 7.60 -10.60 7.50
CA ALA A 209 8.67 -11.61 7.45
C ALA A 209 8.64 -12.51 8.68
N LYS A 210 7.87 -12.12 9.71
CA LYS A 210 7.76 -12.84 10.98
C LYS A 210 6.51 -13.73 11.09
N LEU A 211 5.60 -13.66 10.10
CA LEU A 211 4.37 -14.45 10.10
C LEU A 211 4.68 -15.94 9.91
N PRO A 212 3.90 -16.88 10.48
CA PRO A 212 4.22 -18.31 10.31
C PRO A 212 4.42 -18.72 8.87
N PRO A 213 5.37 -19.66 8.61
CA PRO A 213 5.63 -20.10 7.22
C PRO A 213 4.40 -20.65 6.56
N LYS A 214 4.39 -20.59 5.20
CA LYS A 214 3.34 -21.10 4.33
C LYS A 214 3.24 -22.62 4.56
N GLY A 215 2.07 -23.07 5.03
CA GLY A 215 1.82 -24.49 5.27
C GLY A 215 1.90 -24.98 6.69
N LYS A 216 2.51 -24.21 7.61
CA LYS A 216 2.68 -24.61 9.03
C LYS A 216 1.32 -24.57 9.76
N LEU A 217 0.48 -23.54 9.44
CA LEU A 217 -0.87 -23.39 9.99
C LEU A 217 -1.79 -24.50 9.45
N ARG A 218 -1.72 -24.80 8.14
CA ARG A 218 -2.53 -25.85 7.53
C ARG A 218 -2.15 -27.20 8.12
N SER A 219 -0.84 -27.46 8.28
CA SER A 219 -0.32 -28.71 8.85
C SER A 219 -0.79 -28.96 10.31
N LEU A 220 -0.75 -27.91 11.16
CA LEU A 220 -1.14 -27.98 12.56
C LEU A 220 -2.64 -28.21 12.67
N CYS A 221 -3.42 -27.50 11.86
CA CYS A 221 -4.89 -27.68 11.80
C CYS A 221 -5.26 -29.11 11.31
N SER A 222 -4.54 -29.61 10.31
CA SER A 222 -4.75 -30.96 9.81
C SER A 222 -4.59 -32.04 10.92
N GLN A 223 -3.52 -31.94 11.73
CA GLN A 223 -3.23 -32.85 12.85
C GLN A 223 -4.23 -32.70 13.98
N HIS A 224 -4.66 -31.45 14.25
CA HIS A 224 -5.64 -31.13 15.29
C HIS A 224 -6.99 -31.73 14.98
N VAL A 225 -7.51 -31.46 13.75
CA VAL A 225 -8.82 -31.94 13.27
C VAL A 225 -8.84 -33.47 13.22
N GLU A 226 -7.75 -34.12 12.78
CA GLU A 226 -7.63 -35.58 12.72
C GLU A 226 -7.83 -36.19 14.13
N ARG A 227 -7.17 -35.61 15.15
CA ARG A 227 -7.33 -36.01 16.54
C ARG A 227 -8.78 -35.80 17.00
N LEU A 228 -9.40 -34.62 16.68
CA LEU A 228 -10.79 -34.30 17.04
C LEU A 228 -11.77 -35.28 16.42
N GLN A 229 -11.50 -35.70 15.15
CA GLN A 229 -12.33 -36.65 14.43
C GLN A 229 -12.24 -38.06 15.02
N ILE A 230 -11.07 -38.43 15.56
CA ILE A 230 -10.85 -39.72 16.24
C ILE A 230 -11.69 -39.74 17.53
N PHE A 231 -11.57 -38.67 18.35
CA PHE A 231 -12.36 -38.54 19.58
C PHE A 231 -13.87 -38.53 19.29
N GLN A 232 -14.28 -37.85 18.23
CA GLN A 232 -15.69 -37.79 17.83
C GLN A 232 -16.25 -39.16 17.39
N HIS A 233 -15.43 -39.99 16.76
CA HIS A 233 -15.81 -41.33 16.33
C HIS A 233 -15.93 -42.27 17.54
N LEU A 234 -15.02 -42.14 18.53
CA LEU A 234 -14.90 -42.94 19.75
C LEU A 234 -15.93 -42.57 20.82
N HIS A 235 -16.19 -41.26 21.00
CA HIS A 235 -17.09 -40.71 22.01
C HIS A 235 -17.85 -39.53 21.39
N PRO A 236 -18.89 -39.81 20.54
CA PRO A 236 -19.57 -38.69 19.87
C PRO A 236 -20.22 -37.65 20.75
N ILE A 237 -19.99 -36.39 20.42
CA ILE A 237 -20.57 -35.21 21.05
C ILE A 237 -21.87 -34.91 20.31
N VAL A 238 -22.94 -34.66 21.06
CA VAL A 238 -24.27 -34.39 20.52
C VAL A 238 -24.56 -32.90 20.56
N VAL A 239 -24.45 -32.25 19.41
CA VAL A 239 -24.70 -30.82 19.23
C VAL A 239 -25.82 -30.56 18.26
N GLN A 240 -26.49 -29.42 18.46
CA GLN A 240 -27.47 -28.96 17.51
C GLN A 240 -26.68 -28.01 16.61
N ALA A 241 -26.52 -28.42 15.36
CA ALA A 241 -25.76 -27.66 14.36
C ALA A 241 -26.38 -26.27 14.10
N ALA A 242 -25.58 -25.20 14.24
CA ALA A 242 -25.99 -23.84 13.94
C ALA A 242 -25.99 -23.65 12.40
N PHE A 243 -25.16 -24.44 11.65
CA PHE A 243 -24.95 -24.34 10.20
C PHE A 243 -25.05 -25.73 9.59
N PRO A 244 -26.31 -26.28 9.44
CA PRO A 244 -26.46 -27.70 9.00
C PRO A 244 -25.70 -28.12 7.75
N PRO A 245 -25.62 -27.32 6.63
CA PRO A 245 -24.84 -27.80 5.47
C PRO A 245 -23.35 -27.98 5.77
N LEU A 246 -22.75 -27.11 6.61
CA LEU A 246 -21.34 -27.18 7.01
C LEU A 246 -21.13 -28.38 7.95
N TYR A 247 -22.04 -28.54 8.92
CA TYR A 247 -22.02 -29.65 9.87
C TYR A 247 -22.02 -31.02 9.11
N LYS A 248 -22.89 -31.18 8.09
CA LYS A 248 -23.01 -32.38 7.25
C LYS A 248 -21.67 -32.76 6.59
N GLU A 249 -20.91 -31.77 6.09
CA GLU A 249 -19.62 -31.98 5.44
C GLU A 249 -18.53 -32.47 6.39
N LEU A 250 -18.55 -32.04 7.66
CA LEU A 250 -17.57 -32.40 8.68
C LEU A 250 -17.90 -33.68 9.42
N PHE A 251 -19.20 -34.04 9.53
CA PHE A 251 -19.63 -35.19 10.32
C PHE A 251 -20.40 -36.26 9.50
N SER A 252 -20.17 -36.34 8.17
CA SER A 252 -20.73 -37.38 7.31
C SER A 252 -19.82 -37.71 6.12
N THR B 4 -1.45 -5.22 -20.53
CA THR B 4 -1.80 -3.82 -20.80
C THR B 4 -1.49 -2.93 -19.56
N PRO B 5 -0.97 -1.68 -19.76
CA PRO B 5 -0.66 -0.83 -18.58
C PRO B 5 -1.88 -0.38 -17.75
N GLU B 6 -3.08 -0.46 -18.32
CA GLU B 6 -4.33 -0.06 -17.67
C GLU B 6 -5.09 -1.25 -17.03
N ALA B 7 -4.56 -2.49 -17.18
CA ALA B 7 -5.16 -3.75 -16.69
C ALA B 7 -5.50 -3.80 -15.19
N PRO B 8 -6.67 -4.39 -14.83
CA PRO B 8 -7.03 -4.49 -13.41
C PRO B 8 -6.22 -5.58 -12.72
N TYR B 9 -6.22 -5.59 -11.38
CA TYR B 9 -5.48 -6.58 -10.56
C TYR B 9 -4.01 -6.72 -10.96
N ALA B 10 -3.34 -5.57 -11.15
CA ALA B 10 -1.92 -5.53 -11.49
C ALA B 10 -1.13 -6.37 -10.46
N SER B 11 -0.29 -7.30 -10.94
CA SER B 11 0.51 -8.14 -10.10
C SER B 11 1.73 -7.36 -9.55
N LEU B 12 2.46 -7.99 -8.62
CA LEU B 12 3.72 -7.50 -8.08
C LEU B 12 4.75 -7.42 -9.24
N THR B 13 4.63 -8.33 -10.23
CA THR B 13 5.52 -8.36 -11.40
C THR B 13 5.28 -7.12 -12.25
N GLU B 14 3.99 -6.86 -12.61
CA GLU B 14 3.62 -5.70 -13.41
C GLU B 14 3.99 -4.38 -12.71
N ILE B 15 3.75 -4.28 -11.39
CA ILE B 15 4.01 -3.08 -10.61
C ILE B 15 5.52 -2.76 -10.51
N GLU B 16 6.36 -3.79 -10.29
CA GLU B 16 7.80 -3.60 -10.15
C GLU B 16 8.46 -3.28 -11.47
N HIS B 17 7.87 -3.78 -12.58
CA HIS B 17 8.32 -3.51 -13.93
C HIS B 17 7.94 -2.10 -14.34
N LEU B 18 6.80 -1.61 -13.84
CA LEU B 18 6.34 -0.24 -14.04
C LEU B 18 7.32 0.73 -13.32
N VAL B 19 7.69 0.44 -12.05
CA VAL B 19 8.67 1.27 -11.30
C VAL B 19 9.98 1.42 -12.11
N GLN B 20 10.54 0.29 -12.57
CA GLN B 20 11.79 0.21 -13.33
C GLN B 20 11.73 0.90 -14.66
N SER B 21 10.65 0.67 -15.42
CA SER B 21 10.46 1.27 -16.74
C SER B 21 10.30 2.82 -16.64
N VAL B 22 9.55 3.30 -15.62
CA VAL B 22 9.34 4.74 -15.42
C VAL B 22 10.66 5.42 -15.00
N SER B 23 11.42 4.81 -14.07
CA SER B 23 12.71 5.37 -13.60
C SER B 23 13.73 5.47 -14.75
N LYS B 24 13.73 4.48 -15.64
CA LYS B 24 14.60 4.42 -16.80
C LYS B 24 14.22 5.52 -17.81
N SER B 25 12.90 5.73 -18.04
CA SER B 25 12.42 6.79 -18.93
C SER B 25 12.79 8.16 -18.38
N TYR B 26 12.70 8.34 -17.05
CA TYR B 26 13.06 9.58 -16.39
C TYR B 26 14.55 9.88 -16.59
N ARG B 27 15.40 8.95 -16.13
CA ARG B 27 16.86 9.02 -16.28
C ARG B 27 17.34 9.42 -17.68
N GLU B 28 16.72 8.85 -18.72
CA GLU B 28 17.10 9.01 -20.11
C GLU B 28 16.47 10.23 -20.81
N THR B 29 15.64 10.99 -20.13
CA THR B 29 15.06 12.22 -20.71
C THR B 29 15.47 13.46 -19.90
N CYS B 30 16.53 13.35 -19.10
CA CYS B 30 17.05 14.49 -18.33
C CYS B 30 18.23 14.99 -19.14
N GLN B 31 18.24 16.30 -19.47
CA GLN B 31 19.34 16.94 -20.21
C GLN B 31 20.51 16.99 -19.25
N LEU B 32 20.20 17.22 -17.95
CA LEU B 32 21.20 17.33 -16.90
C LEU B 32 21.19 16.10 -16.00
N ARG B 33 22.35 15.44 -15.89
CA ARG B 33 22.54 14.29 -15.02
C ARG B 33 22.85 14.78 -13.60
N LEU B 34 22.12 14.25 -12.59
CA LEU B 34 22.21 14.60 -11.17
C LEU B 34 23.66 14.65 -10.64
N GLU B 35 24.52 13.69 -11.05
CA GLU B 35 25.93 13.61 -10.67
C GLU B 35 26.69 14.85 -11.15
N ASP B 36 26.38 15.32 -12.36
CA ASP B 36 26.98 16.50 -12.96
C ASP B 36 26.46 17.79 -12.31
N LEU B 37 25.17 17.78 -11.89
CA LEU B 37 24.58 18.92 -11.18
C LEU B 37 25.17 19.07 -9.77
N LEU B 38 25.42 17.92 -9.11
CA LEU B 38 26.03 17.88 -7.77
C LEU B 38 27.50 18.33 -7.81
N ARG B 39 28.28 17.79 -8.77
CA ARG B 39 29.70 18.12 -8.99
C ARG B 39 29.91 19.62 -9.24
N GLN B 40 29.05 20.24 -10.08
CA GLN B 40 29.10 21.66 -10.45
C GLN B 40 28.71 22.64 -9.34
N ARG B 41 28.23 22.14 -8.17
CA ARG B 41 27.80 22.96 -7.02
C ARG B 41 28.83 24.01 -6.57
N SER B 42 30.14 23.65 -6.62
CA SER B 42 31.24 24.55 -6.23
C SER B 42 31.55 25.63 -7.30
N ASN B 43 31.16 25.38 -8.58
CA ASN B 43 31.34 26.30 -9.71
C ASN B 43 30.25 27.38 -9.70
N ILE B 44 30.50 28.48 -8.96
CA ILE B 44 29.56 29.59 -8.78
C ILE B 44 30.00 30.86 -9.55
N PHE B 45 29.01 31.64 -10.06
CA PHE B 45 29.21 32.90 -10.76
C PHE B 45 29.80 33.98 -9.83
N SER B 46 30.79 34.73 -10.34
CA SER B 46 31.43 35.83 -9.62
C SER B 46 30.56 37.08 -9.73
N ARG B 47 30.85 38.11 -8.89
CA ARG B 47 30.14 39.39 -8.87
C ARG B 47 30.17 40.08 -10.23
N GLU B 48 31.25 39.87 -10.98
CA GLU B 48 31.45 40.44 -12.32
C GLU B 48 30.49 39.78 -13.33
N GLU B 49 30.40 38.42 -13.27
CA GLU B 49 29.52 37.62 -14.12
C GLU B 49 28.06 37.93 -13.83
N VAL B 50 27.68 38.06 -12.53
CA VAL B 50 26.33 38.43 -12.08
C VAL B 50 25.98 39.82 -12.67
N THR B 51 26.93 40.79 -12.56
CA THR B 51 26.79 42.16 -13.11
C THR B 51 26.59 42.09 -14.63
N GLY B 52 27.35 41.21 -15.28
CA GLY B 52 27.24 40.96 -16.72
C GLY B 52 25.87 40.46 -17.13
N TYR B 53 25.22 39.63 -16.27
CA TYR B 53 23.86 39.13 -16.52
C TYR B 53 22.84 40.20 -16.22
N GLN B 54 23.10 41.03 -15.20
CA GLN B 54 22.19 42.13 -14.81
C GLN B 54 22.20 43.27 -15.86
N ARG B 55 23.37 43.51 -16.51
CA ARG B 55 23.49 44.55 -17.52
C ARG B 55 22.93 44.14 -18.90
N LYS B 56 22.45 42.88 -19.03
CA LYS B 56 21.81 42.39 -20.26
C LYS B 56 20.39 42.97 -20.36
N SER B 57 19.88 43.13 -21.58
CA SER B 57 18.53 43.65 -21.73
C SER B 57 17.51 42.56 -21.40
N MET B 58 16.30 42.99 -21.03
CA MET B 58 15.16 42.14 -20.72
C MET B 58 14.96 41.07 -21.81
N TRP B 59 15.13 41.44 -23.08
CA TRP B 59 14.91 40.55 -24.20
C TRP B 59 16.07 39.56 -24.45
N GLU B 60 17.29 39.88 -23.99
CA GLU B 60 18.42 38.97 -24.11
C GLU B 60 18.21 37.85 -23.09
N MET B 61 17.81 38.24 -21.84
CA MET B 61 17.49 37.31 -20.76
C MET B 61 16.25 36.47 -21.08
N TRP B 62 15.24 37.05 -21.77
CA TRP B 62 14.04 36.32 -22.19
C TRP B 62 14.42 35.24 -23.22
N GLU B 63 15.21 35.61 -24.23
CA GLU B 63 15.69 34.71 -25.28
C GLU B 63 16.48 33.52 -24.71
N ARG B 64 17.37 33.79 -23.74
CA ARG B 64 18.19 32.81 -23.04
C ARG B 64 17.28 31.85 -22.26
N CYS B 65 16.45 32.38 -21.35
CA CYS B 65 15.51 31.61 -20.56
C CYS B 65 14.53 30.79 -21.39
N ALA B 66 13.91 31.38 -22.44
CA ALA B 66 12.95 30.72 -23.33
C ALA B 66 13.54 29.55 -24.04
N HIS B 67 14.81 29.64 -24.44
CA HIS B 67 15.53 28.55 -25.11
C HIS B 67 15.72 27.35 -24.19
N HIS B 68 16.15 27.58 -22.94
CA HIS B 68 16.31 26.51 -21.96
C HIS B 68 14.96 25.81 -21.64
N LEU B 69 13.86 26.60 -21.52
CA LEU B 69 12.52 26.10 -21.23
C LEU B 69 11.93 25.32 -22.39
N THR B 70 12.21 25.76 -23.62
CA THR B 70 11.76 25.04 -24.81
C THR B 70 12.34 23.63 -24.83
N GLU B 71 13.64 23.48 -24.49
CA GLU B 71 14.35 22.20 -24.41
C GLU B 71 13.86 21.35 -23.24
N ALA B 72 13.61 21.97 -22.06
CA ALA B 72 13.10 21.25 -20.88
C ALA B 72 11.75 20.60 -21.19
N ILE B 73 10.84 21.33 -21.87
CA ILE B 73 9.50 20.88 -22.30
C ILE B 73 9.64 19.70 -23.27
N GLN B 74 10.49 19.86 -24.28
CA GLN B 74 10.68 18.84 -25.30
C GLN B 74 11.12 17.51 -24.69
N TYR B 75 11.93 17.55 -23.63
CA TYR B 75 12.38 16.38 -22.89
C TYR B 75 11.25 15.73 -22.11
N VAL B 76 10.33 16.55 -21.53
CA VAL B 76 9.14 16.07 -20.80
C VAL B 76 8.20 15.38 -21.82
N VAL B 77 8.05 15.93 -23.03
CA VAL B 77 7.21 15.31 -24.04
C VAL B 77 7.78 13.91 -24.35
N GLU B 78 9.14 13.82 -24.52
CA GLU B 78 9.83 12.54 -24.77
C GLU B 78 9.59 11.54 -23.61
N PHE B 79 9.69 12.01 -22.35
CA PHE B 79 9.40 11.24 -21.15
C PHE B 79 7.95 10.71 -21.16
N ALA B 80 6.96 11.59 -21.40
CA ALA B 80 5.53 11.25 -21.49
C ALA B 80 5.29 10.11 -22.52
N LYS B 81 5.92 10.23 -23.70
CA LYS B 81 5.81 9.29 -24.82
C LYS B 81 6.43 7.91 -24.55
N ARG B 82 7.32 7.85 -23.53
CA ARG B 82 7.96 6.63 -23.08
C ARG B 82 7.11 5.95 -21.97
N LEU B 83 6.04 6.61 -21.47
CA LEU B 83 5.17 6.08 -20.41
C LEU B 83 4.15 5.12 -21.00
N SER B 84 4.08 3.91 -20.43
CA SER B 84 3.17 2.84 -20.89
C SER B 84 1.71 3.34 -21.01
N GLY B 85 1.14 3.17 -22.20
CA GLY B 85 -0.23 3.58 -22.48
C GLY B 85 -0.43 4.98 -23.02
N PHE B 86 0.54 5.91 -22.79
CA PHE B 86 0.44 7.30 -23.25
C PHE B 86 0.25 7.47 -24.78
N MET B 87 1.04 6.73 -25.56
CA MET B 87 0.96 6.82 -27.02
C MET B 87 -0.29 6.12 -27.59
N GLU B 88 -0.98 5.34 -26.74
CA GLU B 88 -2.19 4.61 -27.08
C GLU B 88 -3.42 5.49 -26.87
N LEU B 89 -3.25 6.66 -26.24
CA LEU B 89 -4.30 7.67 -26.03
C LEU B 89 -4.43 8.46 -27.31
N SER B 90 -5.59 9.08 -27.55
CA SER B 90 -5.82 9.90 -28.73
C SER B 90 -4.92 11.14 -28.69
N GLN B 91 -4.67 11.77 -29.86
CA GLN B 91 -3.86 12.99 -29.92
C GLN B 91 -4.48 14.06 -29.00
N ASN B 92 -5.82 14.13 -28.94
CA ASN B 92 -6.54 15.11 -28.12
C ASN B 92 -6.14 14.98 -26.66
N ASP B 93 -6.23 13.75 -26.11
CA ASP B 93 -5.92 13.40 -24.74
C ASP B 93 -4.43 13.60 -24.39
N GLN B 94 -3.54 13.25 -25.32
CA GLN B 94 -2.11 13.47 -25.21
C GLN B 94 -1.85 14.98 -25.11
N ILE B 95 -2.51 15.78 -25.95
CA ILE B 95 -2.35 17.24 -25.93
C ILE B 95 -2.90 17.84 -24.64
N VAL B 96 -4.10 17.38 -24.20
CA VAL B 96 -4.72 17.81 -22.95
C VAL B 96 -3.77 17.55 -21.73
N LEU B 97 -3.13 16.38 -21.68
CA LEU B 97 -2.24 16.00 -20.58
C LEU B 97 -0.96 16.80 -20.55
N LEU B 98 -0.39 17.10 -21.75
CA LEU B 98 0.84 17.85 -21.89
C LEU B 98 0.66 19.36 -21.73
N LYS B 99 -0.41 19.93 -22.29
CA LYS B 99 -0.59 21.39 -22.16
C LYS B 99 -0.73 21.76 -20.68
N ALA B 100 -1.37 20.87 -19.93
CA ALA B 100 -1.62 20.95 -18.51
C ALA B 100 -0.46 20.49 -17.63
N GLY B 101 0.25 19.43 -18.01
CA GLY B 101 1.29 18.85 -17.19
C GLY B 101 2.75 19.02 -17.57
N ALA B 102 3.07 19.35 -18.82
CA ALA B 102 4.49 19.45 -19.22
C ALA B 102 5.29 20.47 -18.41
N MET B 103 4.76 21.70 -18.18
CA MET B 103 5.46 22.73 -17.43
C MET B 103 5.54 22.39 -15.95
N GLU B 104 4.49 21.75 -15.41
CA GLU B 104 4.45 21.27 -14.05
C GLU B 104 5.60 20.26 -13.83
N VAL B 105 5.81 19.36 -14.77
CA VAL B 105 6.94 18.42 -14.69
C VAL B 105 8.29 19.18 -14.77
N VAL B 106 8.41 20.19 -15.65
CA VAL B 106 9.62 21.01 -15.77
C VAL B 106 9.90 21.69 -14.40
N LEU B 107 8.85 22.25 -13.77
CA LEU B 107 8.97 22.90 -12.46
C LEU B 107 9.44 21.93 -11.37
N VAL B 108 8.97 20.68 -11.37
CA VAL B 108 9.41 19.64 -10.43
C VAL B 108 10.87 19.30 -10.73
N ARG B 109 11.18 18.96 -11.99
CA ARG B 109 12.58 18.65 -12.42
C ARG B 109 13.62 19.72 -12.04
N MET B 110 13.21 21.00 -11.92
CA MET B 110 14.08 22.12 -11.55
C MET B 110 14.70 21.94 -10.17
N CYS B 111 14.04 21.21 -9.26
CA CYS B 111 14.51 20.97 -7.89
C CYS B 111 15.91 20.28 -7.82
N ARG B 112 16.25 19.48 -8.86
CA ARG B 112 17.55 18.81 -8.96
C ARG B 112 18.68 19.78 -9.37
N ALA B 113 18.31 20.96 -9.89
CA ALA B 113 19.22 22.03 -10.33
C ALA B 113 19.21 23.17 -9.32
N TYR B 114 18.59 22.94 -8.18
CA TYR B 114 18.53 23.91 -7.09
C TYR B 114 19.40 23.40 -5.94
N ASN B 115 20.31 24.27 -5.45
CA ASN B 115 21.17 23.99 -4.31
C ASN B 115 20.60 24.68 -3.09
N ALA B 116 20.09 23.91 -2.13
CA ALA B 116 19.47 24.44 -0.91
C ALA B 116 20.46 25.10 0.05
N ASP B 117 21.73 24.58 0.12
CA ASP B 117 22.79 25.11 1.01
C ASP B 117 23.00 26.62 0.89
N ASN B 118 23.15 27.11 -0.36
CA ASN B 118 23.39 28.52 -0.66
C ASN B 118 22.27 29.21 -1.45
N ARG B 119 21.14 28.50 -1.68
CA ARG B 119 19.98 29.02 -2.44
C ARG B 119 20.38 29.48 -3.87
N THR B 120 21.16 28.63 -4.57
CA THR B 120 21.57 28.94 -5.94
C THR B 120 20.97 27.92 -6.94
N VAL B 121 20.94 28.30 -8.21
CA VAL B 121 20.42 27.46 -9.28
C VAL B 121 21.43 27.33 -10.41
N PHE B 122 21.46 26.18 -11.07
CA PHE B 122 22.33 25.99 -12.20
C PHE B 122 21.76 26.74 -13.40
N PHE B 123 22.60 27.60 -14.00
CA PHE B 123 22.23 28.39 -15.16
C PHE B 123 23.44 28.62 -16.05
N GLU B 124 23.38 28.08 -17.28
CA GLU B 124 24.42 28.25 -18.30
C GLU B 124 25.86 28.00 -17.81
N GLY B 125 26.07 26.86 -17.16
CA GLY B 125 27.39 26.43 -16.72
C GLY B 125 27.76 26.62 -15.27
N LYS B 126 27.14 27.59 -14.59
CA LYS B 126 27.46 27.82 -13.18
C LYS B 126 26.20 27.97 -12.32
N TYR B 127 26.39 28.11 -11.00
CA TYR B 127 25.35 28.35 -10.04
C TYR B 127 25.28 29.84 -9.69
N GLY B 128 24.05 30.35 -9.59
CA GLY B 128 23.77 31.73 -9.24
C GLY B 128 22.44 31.90 -8.53
N GLY B 129 22.29 33.03 -7.82
CA GLY B 129 21.08 33.38 -7.09
C GLY B 129 20.03 34.01 -7.96
N MET B 130 18.92 34.48 -7.36
CA MET B 130 17.84 35.05 -8.20
C MET B 130 18.16 36.46 -8.72
N GLU B 131 19.23 37.11 -8.18
CA GLU B 131 19.73 38.42 -8.59
C GLU B 131 20.23 38.42 -10.05
N LEU B 132 20.67 37.23 -10.53
CA LEU B 132 21.14 36.95 -11.88
C LEU B 132 20.04 37.20 -12.93
N PHE B 133 18.75 37.09 -12.53
CA PHE B 133 17.61 37.27 -13.43
C PHE B 133 16.91 38.64 -13.29
N ARG B 134 17.60 39.63 -12.63
CA ARG B 134 17.14 41.01 -12.40
C ARG B 134 16.49 41.69 -13.62
N ALA B 135 17.18 41.62 -14.78
CA ALA B 135 16.77 42.23 -16.05
C ALA B 135 15.40 41.73 -16.59
N LEU B 136 14.94 40.55 -16.15
CA LEU B 136 13.64 39.99 -16.58
C LEU B 136 12.45 40.73 -15.99
N GLY B 137 12.66 41.37 -14.84
CA GLY B 137 11.63 42.11 -14.11
C GLY B 137 10.49 41.23 -13.64
N CYS B 138 10.81 40.02 -13.11
CA CYS B 138 9.85 39.00 -12.69
C CYS B 138 10.15 38.43 -11.30
N SER B 139 10.76 39.25 -10.40
CA SER B 139 11.22 38.86 -9.06
C SER B 139 10.23 38.06 -8.21
N GLU B 140 8.93 38.38 -8.28
CA GLU B 140 7.90 37.68 -7.51
C GLU B 140 7.71 36.23 -7.99
N LEU B 141 7.50 36.03 -9.32
CA LEU B 141 7.34 34.72 -9.95
C LEU B 141 8.60 33.87 -9.77
N ILE B 142 9.78 34.50 -9.90
CA ILE B 142 11.09 33.85 -9.75
C ILE B 142 11.31 33.43 -8.30
N SER B 143 10.88 34.25 -7.34
CA SER B 143 10.94 33.92 -5.91
C SER B 143 10.08 32.68 -5.59
N SER B 144 8.87 32.58 -6.18
CA SER B 144 7.93 31.46 -6.04
C SER B 144 8.53 30.17 -6.61
N ILE B 145 9.23 30.27 -7.78
CA ILE B 145 9.89 29.12 -8.41
C ILE B 145 11.01 28.63 -7.48
N PHE B 146 11.81 29.57 -6.92
CA PHE B 146 12.88 29.30 -5.94
C PHE B 146 12.32 28.66 -4.66
N ASP B 147 11.17 29.15 -4.18
CA ASP B 147 10.52 28.62 -2.97
C ASP B 147 10.01 27.22 -3.20
N PHE B 148 9.35 26.95 -4.35
CA PHE B 148 8.83 25.64 -4.69
C PHE B 148 9.95 24.60 -4.77
N SER B 149 11.04 24.96 -5.44
CA SER B 149 12.26 24.16 -5.59
C SER B 149 12.86 23.84 -4.25
N HIS B 150 12.87 24.83 -3.33
CA HIS B 150 13.39 24.70 -1.98
C HIS B 150 12.58 23.65 -1.22
N SER B 151 11.24 23.73 -1.28
CA SER B 151 10.35 22.79 -0.59
C SER B 151 10.51 21.34 -1.13
N LEU B 152 10.70 21.17 -2.46
CA LEU B 152 10.91 19.84 -3.05
C LEU B 152 12.27 19.24 -2.71
N SER B 153 13.30 20.09 -2.66
CA SER B 153 14.66 19.65 -2.32
C SER B 153 14.78 19.13 -0.86
N ALA B 154 13.87 19.56 0.03
CA ALA B 154 13.80 19.12 1.44
C ALA B 154 13.21 17.69 1.61
N LEU B 155 12.62 17.13 0.53
CA LEU B 155 12.08 15.77 0.52
C LEU B 155 13.20 14.75 0.25
N HIS B 156 14.32 15.20 -0.36
CA HIS B 156 15.47 14.37 -0.74
C HIS B 156 15.02 13.18 -1.59
N PHE B 157 14.33 13.48 -2.70
CA PHE B 157 13.84 12.45 -3.63
C PHE B 157 14.96 11.58 -4.16
N SER B 158 14.69 10.29 -4.29
CA SER B 158 15.59 9.37 -4.99
C SER B 158 15.16 9.51 -6.48
N GLU B 159 15.88 8.92 -7.40
CA GLU B 159 15.53 8.98 -8.83
C GLU B 159 14.20 8.27 -9.08
N ASP B 160 13.97 7.11 -8.47
CA ASP B 160 12.70 6.37 -8.63
C ASP B 160 11.49 7.17 -8.11
N GLU B 161 11.67 7.94 -7.02
CA GLU B 161 10.61 8.74 -6.39
C GLU B 161 10.18 9.92 -7.26
N ILE B 162 11.16 10.71 -7.75
CA ILE B 162 10.90 11.85 -8.60
C ILE B 162 10.33 11.35 -9.98
N ALA B 163 10.74 10.17 -10.45
CA ALA B 163 10.26 9.60 -11.72
C ALA B 163 8.78 9.21 -11.62
N LEU B 164 8.42 8.51 -10.55
CA LEU B 164 7.03 8.13 -10.29
C LEU B 164 6.15 9.34 -9.99
N TYR B 165 6.66 10.30 -9.23
CA TYR B 165 5.95 11.56 -8.93
C TYR B 165 5.66 12.38 -10.17
N THR B 166 6.67 12.61 -11.06
CA THR B 166 6.48 13.38 -12.31
C THR B 166 5.56 12.64 -13.32
N ALA B 167 5.58 11.29 -13.31
CA ALA B 167 4.71 10.51 -14.20
C ALA B 167 3.23 10.71 -13.77
N LEU B 168 3.00 10.86 -12.44
CA LEU B 168 1.70 11.09 -11.83
C LEU B 168 1.20 12.51 -12.05
N VAL B 169 2.13 13.49 -12.14
CA VAL B 169 1.82 14.87 -12.51
C VAL B 169 1.23 14.85 -13.97
N LEU B 170 1.82 14.04 -14.84
CA LEU B 170 1.39 13.92 -16.25
C LEU B 170 0.11 13.11 -16.43
N ILE B 171 0.09 11.90 -15.87
CA ILE B 171 -1.00 10.96 -16.01
C ILE B 171 -2.01 11.20 -14.91
N ASN B 172 -2.75 12.29 -15.09
CA ASN B 172 -3.75 12.80 -14.15
C ASN B 172 -5.08 12.92 -14.87
N ALA B 173 -6.11 12.15 -14.43
CA ALA B 173 -7.43 12.20 -15.08
C ALA B 173 -8.24 13.46 -14.78
N HIS B 174 -7.70 14.34 -13.90
CA HIS B 174 -8.27 15.65 -13.52
C HIS B 174 -7.74 16.77 -14.44
N ARG B 175 -8.08 16.64 -15.72
CA ARG B 175 -7.73 17.61 -16.75
C ARG B 175 -8.95 17.82 -17.61
N PRO B 176 -9.34 19.09 -17.85
CA PRO B 176 -10.51 19.35 -18.70
C PRO B 176 -10.29 18.93 -20.15
N GLY B 177 -11.29 18.29 -20.74
CA GLY B 177 -11.25 17.97 -22.16
C GLY B 177 -10.89 16.57 -22.52
N LEU B 178 -10.62 15.71 -21.52
CA LEU B 178 -10.26 14.30 -21.83
C LEU B 178 -11.45 13.54 -22.46
N GLN B 179 -11.20 12.85 -23.58
CA GLN B 179 -12.17 12.05 -24.34
C GLN B 179 -12.26 10.64 -23.73
N GLU B 180 -11.11 10.05 -23.36
CA GLU B 180 -11.03 8.72 -22.75
C GLU B 180 -10.53 8.85 -21.30
N LYS B 181 -11.33 9.52 -20.47
CA LYS B 181 -11.11 9.78 -19.05
C LYS B 181 -10.97 8.48 -18.24
N ARG B 182 -11.79 7.46 -18.55
CA ARG B 182 -11.75 6.16 -17.87
C ARG B 182 -10.40 5.45 -18.06
N LYS B 183 -9.88 5.41 -19.29
CA LYS B 183 -8.57 4.81 -19.61
C LYS B 183 -7.43 5.56 -18.87
N VAL B 184 -7.52 6.89 -18.71
CA VAL B 184 -6.52 7.69 -18.01
C VAL B 184 -6.56 7.38 -16.48
N GLU B 185 -7.77 7.24 -15.88
CA GLU B 185 -7.97 6.86 -14.48
C GLU B 185 -7.31 5.53 -14.16
N GLN B 186 -7.39 4.56 -15.07
CA GLN B 186 -6.79 3.23 -14.93
C GLN B 186 -5.26 3.28 -14.97
N LEU B 187 -4.68 4.06 -15.92
CA LEU B 187 -3.23 4.23 -16.03
C LEU B 187 -2.67 4.95 -14.79
N GLN B 188 -3.44 5.92 -14.27
CA GLN B 188 -3.12 6.69 -13.09
C GLN B 188 -3.18 5.78 -11.87
N TYR B 189 -4.23 4.91 -11.81
CA TYR B 189 -4.42 3.98 -10.69
C TYR B 189 -3.17 3.05 -10.53
N ASN B 190 -2.70 2.46 -11.64
CA ASN B 190 -1.54 1.56 -11.61
C ASN B 190 -0.23 2.28 -11.27
N LEU B 191 -0.07 3.55 -11.68
CA LEU B 191 1.10 4.36 -11.33
C LEU B 191 1.12 4.72 -9.84
N GLU B 192 -0.05 5.07 -9.27
CA GLU B 192 -0.26 5.37 -7.84
C GLU B 192 0.07 4.10 -7.01
N LEU B 193 -0.38 2.95 -7.49
CA LEU B 193 -0.12 1.65 -6.87
C LEU B 193 1.39 1.39 -6.86
N ALA B 194 2.07 1.61 -8.03
CA ALA B 194 3.51 1.46 -8.14
C ALA B 194 4.25 2.46 -7.22
N PHE B 195 3.77 3.71 -7.13
CA PHE B 195 4.36 4.75 -6.28
C PHE B 195 4.25 4.34 -4.81
N HIS B 196 3.04 3.97 -4.34
CA HIS B 196 2.80 3.53 -2.96
C HIS B 196 3.59 2.27 -2.62
N HIS B 197 3.56 1.26 -3.51
CA HIS B 197 4.31 0.02 -3.30
C HIS B 197 5.82 0.32 -3.09
N HIS B 198 6.42 1.15 -3.99
CA HIS B 198 7.83 1.50 -3.93
C HIS B 198 8.23 2.24 -2.64
N LEU B 199 7.43 3.22 -2.20
CA LEU B 199 7.66 3.96 -0.96
C LEU B 199 7.56 3.06 0.28
N CYS B 200 6.58 2.18 0.31
CA CYS B 200 6.39 1.23 1.39
C CYS B 200 7.56 0.23 1.49
N LYS B 201 8.03 -0.29 0.35
CA LYS B 201 9.14 -1.24 0.25
C LYS B 201 10.46 -0.62 0.75
N THR B 202 10.67 0.68 0.44
CA THR B 202 11.87 1.42 0.78
C THR B 202 11.78 2.13 2.12
N HIS B 203 10.62 2.03 2.81
CA HIS B 203 10.35 2.68 4.10
C HIS B 203 10.39 4.21 4.00
N ARG B 204 9.80 4.74 2.89
CA ARG B 204 9.74 6.15 2.57
C ARG B 204 8.30 6.67 2.49
N GLN B 205 7.33 5.91 3.05
CA GLN B 205 5.92 6.29 3.03
C GLN B 205 5.60 7.62 3.76
N SER B 206 6.55 8.16 4.58
CA SER B 206 6.38 9.42 5.31
CA SER B 206 6.34 9.42 5.28
C SER B 206 6.46 10.67 4.38
N ILE B 207 7.00 10.50 3.14
CA ILE B 207 7.11 11.62 2.19
C ILE B 207 5.73 12.02 1.60
N LEU B 208 4.74 11.12 1.64
CA LEU B 208 3.40 11.38 1.06
C LEU B 208 2.68 12.55 1.68
N ALA B 209 2.78 12.69 3.01
CA ALA B 209 2.16 13.80 3.73
C ALA B 209 2.98 15.10 3.56
N LYS B 210 4.21 14.98 3.05
CA LYS B 210 5.13 16.09 2.85
C LYS B 210 5.14 16.66 1.43
N LEU B 211 4.46 16.00 0.48
CA LEU B 211 4.41 16.43 -0.92
C LEU B 211 3.63 17.73 -1.06
N PRO B 212 4.02 18.65 -1.97
CA PRO B 212 3.25 19.90 -2.11
C PRO B 212 1.76 19.64 -2.42
N PRO B 213 0.83 20.48 -1.93
CA PRO B 213 -0.58 20.31 -2.33
C PRO B 213 -0.71 20.45 -3.87
N LYS B 214 -1.59 19.68 -4.52
CA LYS B 214 -1.75 19.76 -5.98
C LYS B 214 -2.13 21.16 -6.48
N GLY B 215 -3.02 21.84 -5.74
CA GLY B 215 -3.45 23.20 -6.04
C GLY B 215 -2.34 24.21 -6.21
N LYS B 216 -1.30 24.14 -5.35
CA LYS B 216 -0.12 25.02 -5.39
C LYS B 216 0.73 24.83 -6.70
N LEU B 217 0.96 23.58 -7.11
CA LEU B 217 1.72 23.29 -8.33
C LEU B 217 0.97 23.72 -9.59
N ARG B 218 -0.36 23.49 -9.64
CA ARG B 218 -1.16 23.92 -10.80
C ARG B 218 -1.17 25.46 -10.85
N SER B 219 -1.23 26.11 -9.68
CA SER B 219 -1.27 27.57 -9.60
C SER B 219 0.06 28.23 -10.05
N LEU B 220 1.20 27.64 -9.67
CA LEU B 220 2.51 28.15 -10.07
C LEU B 220 2.71 27.97 -11.56
N CYS B 221 2.40 26.77 -12.09
CA CYS B 221 2.50 26.48 -13.53
C CYS B 221 1.66 27.44 -14.35
N SER B 222 0.43 27.72 -13.91
CA SER B 222 -0.51 28.65 -14.56
C SER B 222 0.05 30.08 -14.67
N GLN B 223 0.61 30.60 -13.57
CA GLN B 223 1.24 31.93 -13.48
C GLN B 223 2.50 32.01 -14.33
N HIS B 224 3.31 30.94 -14.34
CA HIS B 224 4.57 30.85 -15.08
C HIS B 224 4.30 30.90 -16.58
N VAL B 225 3.41 30.03 -17.09
CA VAL B 225 3.02 29.94 -18.52
C VAL B 225 2.39 31.24 -18.99
N GLU B 226 1.52 31.88 -18.17
CA GLU B 226 0.88 33.16 -18.50
C GLU B 226 1.96 34.24 -18.75
N ARG B 227 2.98 34.33 -17.88
CA ARG B 227 4.10 35.25 -18.03
C ARG B 227 4.87 34.93 -19.30
N LEU B 228 5.17 33.61 -19.57
CA LEU B 228 5.89 33.14 -20.78
C LEU B 228 5.16 33.53 -22.04
N GLN B 229 3.80 33.40 -22.02
CA GLN B 229 2.95 33.74 -23.16
C GLN B 229 2.92 35.26 -23.44
N ILE B 230 3.03 36.08 -22.38
CA ILE B 230 3.10 37.55 -22.48
C ILE B 230 4.42 37.93 -23.16
N PHE B 231 5.57 37.39 -22.67
CA PHE B 231 6.89 37.60 -23.26
C PHE B 231 6.93 37.13 -24.72
N GLN B 232 6.31 35.99 -25.03
CA GLN B 232 6.26 35.45 -26.38
C GLN B 232 5.46 36.35 -27.35
N HIS B 233 4.43 37.04 -26.86
CA HIS B 233 3.66 37.93 -27.73
C HIS B 233 4.37 39.25 -27.95
N LEU B 234 5.12 39.72 -26.94
CA LEU B 234 5.88 40.95 -26.94
C LEU B 234 7.19 40.86 -27.71
N HIS B 235 7.91 39.73 -27.59
CA HIS B 235 9.20 39.45 -28.21
C HIS B 235 9.23 37.97 -28.67
N PRO B 236 8.57 37.65 -29.80
CA PRO B 236 8.49 36.23 -30.19
C PRO B 236 9.80 35.51 -30.47
N ILE B 237 9.92 34.31 -29.91
CA ILE B 237 11.02 33.36 -30.08
C ILE B 237 10.62 32.49 -31.29
N VAL B 238 11.57 32.26 -32.20
CA VAL B 238 11.32 31.47 -33.41
C VAL B 238 11.92 30.09 -33.24
N VAL B 239 11.05 29.10 -32.99
CA VAL B 239 11.44 27.69 -32.82
C VAL B 239 10.83 26.79 -33.88
N GLN B 240 11.55 25.72 -34.21
CA GLN B 240 11.01 24.72 -35.09
C GLN B 240 10.40 23.71 -34.13
N ALA B 241 9.07 23.60 -34.16
CA ALA B 241 8.32 22.71 -33.28
C ALA B 241 8.69 21.23 -33.49
N ALA B 242 9.10 20.55 -32.42
CA ALA B 242 9.39 19.13 -32.43
C ALA B 242 8.05 18.34 -32.44
N PHE B 243 6.94 18.94 -31.88
CA PHE B 243 5.63 18.32 -31.72
C PHE B 243 4.54 19.28 -32.24
N PRO B 244 4.38 19.40 -33.59
CA PRO B 244 3.50 20.44 -34.15
C PRO B 244 2.09 20.52 -33.60
N PRO B 245 1.32 19.40 -33.38
CA PRO B 245 -0.04 19.55 -32.80
C PRO B 245 -0.05 20.19 -31.40
N LEU B 246 0.96 19.89 -30.55
CA LEU B 246 1.08 20.46 -29.20
C LEU B 246 1.46 21.96 -29.28
N TYR B 247 2.43 22.26 -30.16
CA TYR B 247 2.88 23.62 -30.42
C TYR B 247 1.70 24.52 -30.85
N LYS B 248 0.84 24.05 -31.79
CA LYS B 248 -0.36 24.73 -32.28
C LYS B 248 -1.33 25.14 -31.18
N GLU B 249 -1.54 24.26 -30.18
CA GLU B 249 -2.43 24.53 -29.04
C GLU B 249 -1.91 25.62 -28.10
N LEU B 250 -0.57 25.72 -27.93
CA LEU B 250 0.06 26.69 -27.04
C LEU B 250 0.31 28.04 -27.70
N PHE B 251 0.51 28.07 -29.03
CA PHE B 251 0.87 29.29 -29.78
C PHE B 251 -0.08 29.64 -30.94
N3 XO5 C . -7.54 -28.18 23.19
C4 XO5 C . -4.28 -23.33 23.85
N2 XO5 C . -6.19 -26.15 24.65
C7 XO5 C . -6.34 -21.74 24.87
C6 XO5 C . -5.38 -21.16 24.04
C9 XO5 C . -10.26 -22.49 23.30
C13 XO5 C . -7.69 -26.76 22.79
C20 XO5 C . -7.97 -31.61 21.66
C21 XO5 C . -6.77 -32.19 20.92
C8 XO5 C . -9.65 -21.93 24.59
C18 XO5 C . -7.90 -29.20 22.31
C16 XO5 C . -5.89 -27.58 24.93
C19 XO5 C . -7.75 -30.63 22.79
C1 XO5 C . -7.18 -23.68 26.26
C2 XO5 C . -6.25 -23.09 25.25
C3 XO5 C . -5.22 -23.88 24.73
C5 XO5 C . -4.35 -21.97 23.55
N1 XO5 C . -7.38 -20.90 25.36
S1 XO5 C . -8.74 -20.50 24.50
O1 XO5 C . -9.41 -19.51 25.27
O2 XO5 C . -8.37 -20.19 23.17
C10 XO5 C . -10.40 -24.02 23.37
C11 XO5 C . -9.11 -24.69 22.89
C12 XO5 C . -8.96 -26.13 23.39
C14 XO5 C . -6.43 -25.98 23.20
C15 XO5 C . -5.05 -25.31 25.12
C17 XO5 C . -7.16 -28.40 24.58
O3 XO5 C . -8.32 -28.92 21.19
C22 XO5 C . -7.58 -33.05 21.87
F1 XO5 C . -3.40 -21.43 22.79
H5 XO5 C . -3.49 -23.94 23.42
H6 XO5 C . -5.42 -20.10 23.77
H11 XO5 C . -9.65 -22.20 22.41
H10 XO5 C . -11.24 -22.02 23.12
H1 XO5 C . -7.77 -26.69 21.66
H28 XO5 C . -8.88 -31.39 21.07
H30 XO5 C . -5.75 -31.88 21.19
H29 XO5 C . -6.82 -32.35 19.84
H9 XO5 C . -10.49 -21.86 25.32
H8 XO5 C . -9.10 -22.78 25.09
H23 XO5 C . -5.66 -27.72 26.00
H22 XO5 C . -5.01 -27.99 24.39
H27 XO5 C . -6.76 -30.79 23.26
H26 XO5 C . -8.50 -30.84 23.58
H3 XO5 C . -8.08 -23.06 26.47
H4 XO5 C . -6.67 -23.83 27.23
H2 XO5 C . -7.58 -24.65 25.96
H7 XO5 C . -7.19 -20.58 26.31
H13 XO5 C . -11.25 -24.35 22.73
H12 XO5 C . -10.69 -24.35 24.38
H14 XO5 C . -9.08 -24.66 21.78
H15 XO5 C . -8.22 -24.10 23.20
H16 XO5 C . -9.85 -26.73 23.12
H17 XO5 C . -8.94 -26.15 24.50
H19 XO5 C . -5.56 -26.29 22.56
H18 XO5 C . -6.58 -24.90 22.97
H20 XO5 C . -4.04 -25.69 24.80
H21 XO5 C . -5.01 -25.38 26.24
H25 XO5 C . -7.99 -28.12 25.27
H24 XO5 C . -6.95 -29.47 24.81
H32 XO5 C . -8.21 -33.86 21.47
H31 XO5 C . -7.15 -33.38 22.82
N1 XNX D . -16.37 -28.88 13.96
C4 XNX D . -15.78 -27.66 12.10
C5 XNX D . -15.60 -26.83 11.01
C6 XNX D . -14.39 -26.68 10.35
C7 XNX D . -16.80 -28.03 13.03
C8 XNX D . -14.26 -29.92 14.46
C10 XNX D . -15.13 -29.78 16.85
C13 XNX D . -15.50 -32.51 16.98
C15 XNX D . -18.22 -27.57 13.13
C17 XNX D . -20.32 -27.06 12.06
C20 XNX D . -18.79 -27.24 14.37
C21 XNX D . -22.30 -26.23 13.34
C1 XNX D . -13.30 -27.40 10.80
C2 XNX D . -13.41 -28.25 11.90
C3 XNX D . -14.65 -28.37 12.54
F1 XNX D . -16.64 -26.09 10.57
N2 XNX D . -15.05 -29.09 13.66
O1 XNX D . -13.08 -30.07 14.20
C9 XNX D . -14.82 -30.54 15.73
C11 XNX D . -15.59 -30.36 18.02
C12 XNX D . -15.77 -31.72 18.08
C14 XNX D . -15.01 -31.92 15.82
CL1 XNX D . -14.57 -32.95 14.50
CL2 XNX D . -14.99 -28.04 16.80
C16 XNX D . -19.01 -27.48 11.99
C18 XNX D . -20.89 -26.71 13.29
C19 XNX D . -20.11 -26.83 14.45
O2 XNX D . -23.01 -26.26 12.35
O3 XNX D . -22.74 -25.85 14.52
N3 XO5 E . 13.20 31.17 -15.41
C4 XO5 E . 15.14 27.98 -10.89
N2 XO5 E . 15.05 30.34 -13.41
C7 XO5 E . 17.03 26.60 -12.41
C6 XO5 E . 16.29 25.91 -11.44
C9 XO5 E . 15.78 26.36 -15.81
C13 XO5 E . 13.14 29.76 -14.99
C20 XO5 E . 10.84 33.62 -16.99
C21 XO5 E . 9.96 34.23 -15.91
C8 XO5 E . 17.23 25.87 -15.71
C18 XO5 E . 12.18 31.66 -16.25
C16 XO5 E . 14.73 31.78 -13.60
C19 XO5 E . 12.22 33.13 -16.62
C1 XO5 E . 17.66 28.74 -13.59
C2 XO5 E . 16.84 27.98 -12.61
C3 XO5 E . 15.87 28.64 -11.85
C5 XO5 E . 15.36 26.62 -10.68
N1 XO5 E . 17.98 25.87 -13.18
S1 XO5 E . 17.59 24.83 -14.40
O1 XO5 E . 16.45 24.08 -14.04
O2 XO5 E . 18.80 24.15 -14.72
C10 XO5 E . 15.60 27.41 -16.92
C11 XO5 E . 15.15 28.78 -16.38
C12 XO5 E . 13.65 28.78 -16.08
C14 XO5 E . 13.82 29.53 -13.63
C15 XO5 E . 15.60 30.11 -12.04
C17 XO5 E . 14.38 31.96 -15.09
O3 XO5 E . 11.30 30.92 -16.65
C22 XO5 E . 10.57 35.10 -16.97
F1 XO5 E . 14.68 26.00 -9.72
H5 XO5 E . 14.37 28.49 -10.29
H6 XO5 E . 16.44 24.83 -11.28
H11 XO5 E . 15.11 25.50 -15.98
H10 XO5 E . 15.48 26.77 -14.83
H1 XO5 E . 12.06 29.50 -14.84
H28 XO5 E . 10.35 33.00 -17.76
H30 XO5 E . 8.88 34.03 -15.91
H29 XO5 E . 10.31 34.29 -14.88
H9 XO5 E . 17.90 26.76 -15.76
H8 XO5 E . 17.48 25.40 -16.69
H23 XO5 E . 13.92 32.17 -12.95
H22 XO5 E . 15.62 32.40 -13.35
H27 XO5 E . 12.66 33.76 -15.80
H26 XO5 E . 12.89 33.27 -17.48
H3 XO5 E . 18.00 29.71 -13.19
H4 XO5 E . 17.08 28.95 -14.51
H2 XO5 E . 18.59 28.23 -13.90
H7 XO5 E . 18.93 26.05 -12.86
H13 XO5 E . 16.52 27.55 -17.52
H12 XO5 E . 14.87 27.04 -17.67
H14 XO5 E . 15.76 29.06 -15.50
H15 XO5 E . 15.38 29.57 -17.12
H16 XO5 E . 13.10 28.99 -17.02
H17 XO5 E . 13.32 27.76 -15.79
H19 XO5 E . 14.08 28.45 -13.53
H18 XO5 E . 13.05 29.70 -12.83
H20 XO5 E . 14.94 30.51 -11.22
H21 XO5 E . 16.53 30.70 -11.93
H25 XO5 E . 14.23 33.04 -15.29
H24 XO5 E . 15.25 31.65 -15.73
H32 XO5 E . 11.37 35.82 -16.71
H31 XO5 E . 9.94 35.55 -17.75
N1 XNX F . 5.90 25.93 -24.53
C4 XNX F . 4.61 24.23 -23.71
C5 XNX F . 3.89 23.10 -23.38
C6 XNX F . 3.13 23.00 -22.24
C7 XNX F . 5.45 24.71 -24.76
C8 XNX F . 5.77 27.51 -22.71
C10 XNX F . 8.03 28.20 -23.63
C13 XNX F . 6.98 30.50 -24.74
C15 XNX F . 5.91 24.02 -26.01
C17 XNX F . 7.65 23.53 -27.62
C20 XNX F . 5.02 23.23 -26.76
C21 XNX F . 7.25 21.97 -29.53
C1 XNX F . 3.09 24.06 -21.36
C2 XNX F . 3.82 25.21 -21.62
C3 XNX F . 4.57 25.29 -22.77
F1 XNX F . 3.98 22.02 -24.19
N2 XNX F . 5.38 26.29 -23.29
O1 XNX F . 5.27 27.86 -21.65
C9 XNX F . 6.66 28.45 -23.48
C11 XNX F . 8.87 29.08 -24.30
C12 XNX F . 8.34 30.24 -24.86
C14 XNX F . 6.16 29.63 -24.04
CL1 XNX F . 4.47 29.99 -23.96
CL2 XNX F . 8.72 26.71 -23.02
C16 XNX F . 7.22 24.17 -26.46
C18 XNX F . 6.76 22.73 -28.35
C19 XNX F . 5.45 22.59 -27.90
O2 XNX F . 8.52 22.08 -29.75
O3 XNX F . 6.49 21.29 -30.23
#